data_4HR6
#
_entry.id   4HR6
#
_cell.length_a   102.081
_cell.length_b   102.081
_cell.length_c   271.640
_cell.angle_alpha   90.00
_cell.angle_beta   90.00
_cell.angle_gamma   120.00
#
_symmetry.space_group_name_H-M   'P 61 2 2'
#
loop_
_entity.id
_entity.type
_entity.pdbx_description
1 polymer LECTIN
2 polymer LECTIN
3 polymer LECTIN
4 non-polymer 'methyl alpha-D-galactopyranoside'
5 water water
#
loop_
_entity_poly.entity_id
_entity_poly.type
_entity_poly.pdbx_seq_one_letter_code
_entity_poly.pdbx_strand_id
1 'polypeptide(L)' ANLRLSEANSGTYKTFIGRVREELGSETYRLYGIPVLKHSL A
2 'polypeptide(L)'
;NRFYLLTLTSNKDESITLAIDVEDMVAVAYQPAGSHESYFFLNAPQLAFHTLFTDTHQNVLNFDNTFKSLENAAGTTRQT
IVLGVDPLDFAISNLFNADPKLLPLSFLVIIQMVLEASKFRFIEQSVAYSFKNEKTFIPDLAIVSLEDNWSEISLQIQAS
TSLQGLFGSVVELYNSNNELIEVDSIYYPIILANVALQLYHCQVST
;
B
3 'polypeptide(L)'
;NECIVETRTTRISGRDALCVDVAGALTSDGSRLILYPCGQQVNQKWTFHSDGTVRSLGKCLATNNSKFGNLVVIYDCSKL
AAEDISWDVSVGGTIMNPNYEDLALTSNKATRSTNLTMEVNTYSASQGWRVGNYVQPIIGSIVGLDDMCLEATDGNTNMW
LEECVPNKREQSWALYSDGTIRVDDNRELCVTASSSTYDNWKVITILNCDGSNNQRWVFLADGSISTPGNQRLAMDVARS
DVDLKKIILHRPHGDLNQQWVLFY
;
C
#
# COMPACT_ATOMS: atom_id res chain seq x y z
N ALA A 1 -9.21 14.39 -19.24
CA ALA A 1 -9.43 12.97 -18.83
C ALA A 1 -10.88 12.55 -19.11
N ASN A 2 -11.03 11.49 -19.90
CA ASN A 2 -12.31 11.07 -20.44
C ASN A 2 -12.39 9.55 -20.39
N LEU A 3 -13.56 9.02 -20.07
CA LEU A 3 -13.77 7.58 -20.04
C LEU A 3 -15.03 7.31 -20.86
N ARG A 4 -14.85 6.70 -22.02
CA ARG A 4 -15.95 6.30 -22.89
C ARG A 4 -16.22 4.82 -22.69
N LEU A 5 -17.43 4.47 -22.26
CA LEU A 5 -17.70 3.07 -21.99
C LEU A 5 -17.78 2.18 -23.23
N SER A 6 -18.12 2.73 -24.40
CA SER A 6 -18.15 1.94 -25.65
C SER A 6 -16.83 1.21 -25.93
N GLU A 7 -15.74 1.96 -25.88
CA GLU A 7 -14.42 1.42 -26.19
C GLU A 7 -13.66 1.07 -24.91
N ALA A 8 -14.35 0.44 -23.96
CA ALA A 8 -13.81 0.26 -22.60
C ALA A 8 -13.56 -1.19 -22.22
N ASN A 9 -12.32 -1.46 -21.81
CA ASN A 9 -11.97 -2.72 -21.19
C ASN A 9 -11.06 -2.43 -19.99
N SER A 10 -10.65 -3.48 -19.29
CA SER A 10 -9.76 -3.38 -18.15
C SER A 10 -8.57 -2.45 -18.43
N GLY A 11 -7.96 -2.64 -19.60
CA GLY A 11 -6.81 -1.85 -20.03
C GLY A 11 -7.04 -0.36 -20.13
N THR A 12 -8.15 0.04 -20.75
CA THR A 12 -8.45 1.47 -20.92
C THR A 12 -8.94 2.08 -19.60
N TYR A 13 -9.66 1.33 -18.79
CA TYR A 13 -10.01 1.77 -17.45
C TYR A 13 -8.75 2.14 -16.64
N LYS A 14 -7.78 1.25 -16.57
CA LYS A 14 -6.51 1.51 -15.85
C LYS A 14 -5.71 2.67 -16.39
N THR A 15 -5.70 2.83 -17.71
CA THR A 15 -5.08 3.98 -18.35
C THR A 15 -5.72 5.31 -17.93
N PHE A 16 -7.04 5.32 -17.92
CA PHE A 16 -7.82 6.45 -17.43
C PHE A 16 -7.49 6.79 -15.95
N ILE A 17 -7.55 5.80 -15.07
CA ILE A 17 -7.19 6.02 -13.66
C ILE A 17 -5.75 6.50 -13.57
N GLY A 18 -4.90 5.93 -14.42
CA GLY A 18 -3.49 6.35 -14.47
C GLY A 18 -3.34 7.81 -14.82
N ARG A 19 -4.13 8.28 -15.77
CA ARG A 19 -4.09 9.70 -16.15
C ARG A 19 -4.65 10.63 -15.04
N VAL A 20 -5.70 10.20 -14.36
CA VAL A 20 -6.24 11.00 -13.25
C VAL A 20 -5.15 11.19 -12.19
N ARG A 21 -4.50 10.09 -11.80
CA ARG A 21 -3.39 10.13 -10.81
C ARG A 21 -2.25 11.04 -11.21
N GLU A 22 -1.87 11.01 -12.48
CA GLU A 22 -0.75 11.82 -12.97
C GLU A 22 -1.08 13.31 -12.97
N GLU A 23 -2.31 13.63 -13.31
CA GLU A 23 -2.71 15.03 -13.34
C GLU A 23 -3.01 15.61 -11.95
N LEU A 24 -3.43 14.79 -10.99
CA LEU A 24 -3.76 15.28 -9.63
C LEU A 24 -2.59 15.20 -8.63
N GLY A 25 -1.69 14.24 -8.83
CA GLY A 25 -0.57 14.01 -7.94
C GLY A 25 0.60 14.93 -8.25
N SER A 26 1.18 15.50 -7.19
CA SER A 26 2.35 16.37 -7.33
C SER A 26 3.50 15.62 -7.96
N GLU A 27 4.15 16.29 -8.92
CA GLU A 27 5.38 15.76 -9.51
C GLU A 27 6.53 15.81 -8.52
N THR A 28 6.54 16.80 -7.64
CA THR A 28 7.69 17.06 -6.77
C THR A 28 7.51 16.64 -5.30
N TYR A 29 6.32 16.81 -4.73
CA TYR A 29 6.09 16.54 -3.31
C TYR A 29 5.54 15.12 -3.09
N ARG A 30 6.46 14.21 -2.74
CA ARG A 30 6.18 12.79 -2.56
C ARG A 30 6.83 12.30 -1.28
N LEU A 31 6.16 11.37 -0.60
CA LEU A 31 6.70 10.82 0.63
C LEU A 31 6.68 9.31 0.49
N TYR A 32 7.85 8.70 0.67
CA TYR A 32 8.03 7.29 0.40
C TYR A 32 7.57 6.93 -1.04
N GLY A 33 7.67 7.86 -1.98
CA GLY A 33 7.20 7.67 -3.37
C GLY A 33 5.71 7.93 -3.66
N ILE A 34 4.92 8.17 -2.61
CA ILE A 34 3.48 8.41 -2.77
C ILE A 34 3.21 9.91 -2.93
N PRO A 35 2.65 10.34 -4.06
CA PRO A 35 2.44 11.77 -4.25
C PRO A 35 1.34 12.40 -3.36
N VAL A 36 1.61 13.61 -2.90
CA VAL A 36 0.61 14.44 -2.25
C VAL A 36 -0.14 15.15 -3.36
N LEU A 37 -1.44 15.38 -3.18
CA LEU A 37 -2.23 16.10 -4.18
C LEU A 37 -1.66 17.49 -4.40
N LYS A 38 -1.73 17.93 -5.65
CA LYS A 38 -1.30 19.28 -6.02
C LYS A 38 -2.20 20.31 -5.38
N HIS A 39 -1.67 21.51 -5.18
CA HIS A 39 -2.46 22.61 -4.61
C HIS A 39 -3.31 23.32 -5.67
N SER A 40 -2.80 23.34 -6.90
CA SER A 40 -3.52 23.92 -8.01
C SER A 40 -3.11 23.26 -9.35
N LEU A 41 -3.90 23.52 -10.37
CA LEU A 41 -3.63 23.06 -11.72
C LEU A 41 -3.26 24.25 -12.61
N ASN B 1 -5.65 26.54 -11.24
CA ASN B 1 -6.84 26.74 -10.37
C ASN B 1 -7.19 25.46 -9.59
N ARG B 2 -8.36 25.44 -8.95
CA ARG B 2 -8.62 24.46 -7.92
C ARG B 2 -9.47 23.27 -8.35
N PHE B 3 -10.11 23.34 -9.51
CA PHE B 3 -11.05 22.34 -9.93
C PHE B 3 -10.56 21.57 -11.15
N TYR B 4 -10.72 20.26 -11.09
CA TYR B 4 -10.33 19.36 -12.18
C TYR B 4 -11.60 18.81 -12.82
N LEU B 5 -11.64 18.82 -14.15
CA LEU B 5 -12.80 18.38 -14.90
C LEU B 5 -12.53 17.07 -15.57
N LEU B 6 -13.58 16.29 -15.67
CA LEU B 6 -13.47 14.92 -15.97
C LEU B 6 -14.74 14.53 -16.68
N THR B 7 -14.61 13.94 -17.87
CA THR B 7 -15.77 13.57 -18.66
C THR B 7 -16.01 12.05 -18.69
N LEU B 8 -17.25 11.65 -18.51
CA LEU B 8 -17.63 10.24 -18.63
C LEU B 8 -18.70 10.16 -19.69
N THR B 9 -18.62 9.16 -20.55
CA THR B 9 -19.57 8.98 -21.66
C THR B 9 -20.16 7.56 -21.64
N SER B 10 -21.49 7.46 -21.61
CA SER B 10 -22.14 6.16 -21.60
C SER B 10 -22.09 5.49 -22.97
N ASN B 11 -22.56 4.23 -23.01
CA ASN B 11 -22.82 3.52 -24.28
C ASN B 11 -23.93 4.11 -25.16
N LYS B 12 -24.78 4.98 -24.60
CA LYS B 12 -25.71 5.75 -25.41
C LYS B 12 -25.10 7.05 -25.96
N ASP B 13 -23.78 7.22 -25.80
CA ASP B 13 -23.08 8.48 -26.11
C ASP B 13 -23.59 9.73 -25.37
N GLU B 14 -24.09 9.55 -24.15
CA GLU B 14 -24.42 10.66 -23.30
C GLU B 14 -23.16 10.99 -22.49
N SER B 15 -22.74 12.25 -22.50
CA SER B 15 -21.57 12.69 -21.71
C SER B 15 -21.97 13.59 -20.54
N ILE B 16 -21.36 13.35 -19.39
CA ILE B 16 -21.43 14.30 -18.28
C ILE B 16 -20.03 14.80 -17.95
N THR B 17 -19.96 16.02 -17.43
CA THR B 17 -18.70 16.57 -16.97
C THR B 17 -18.78 16.74 -15.46
N LEU B 18 -17.81 16.15 -14.79
CA LEU B 18 -17.77 16.11 -13.36
C LEU B 18 -16.60 16.96 -12.85
N ALA B 19 -16.87 17.82 -11.87
CA ALA B 19 -15.86 18.73 -11.36
C ALA B 19 -15.40 18.31 -9.97
N ILE B 20 -14.10 18.30 -9.78
CA ILE B 20 -13.47 17.76 -8.59
C ILE B 20 -12.59 18.81 -7.96
N ASP B 21 -12.77 19.04 -6.66
CA ASP B 21 -11.96 19.94 -5.86
C ASP B 21 -10.63 19.23 -5.59
N VAL B 22 -9.52 19.74 -6.10
CA VAL B 22 -8.22 19.05 -5.91
C VAL B 22 -7.71 19.15 -4.47
N GLU B 23 -8.26 20.09 -3.70
CA GLU B 23 -7.83 20.26 -2.33
C GLU B 23 -8.34 19.17 -1.38
N ASP B 24 -9.58 18.69 -1.57
CA ASP B 24 -10.19 17.64 -0.76
C ASP B 24 -10.40 16.36 -1.56
N MET B 25 -10.10 16.41 -2.85
CA MET B 25 -10.44 15.35 -3.77
C MET B 25 -11.87 14.83 -3.59
N VAL B 26 -12.83 15.75 -3.66
CA VAL B 26 -14.23 15.40 -3.66
C VAL B 26 -14.88 15.96 -4.91
N ALA B 27 -15.93 15.29 -5.35
CA ALA B 27 -16.79 15.78 -6.40
C ALA B 27 -17.62 16.94 -5.87
N VAL B 28 -17.68 18.04 -6.59
CA VAL B 28 -18.47 19.20 -6.14
C VAL B 28 -19.64 19.58 -7.02
N ALA B 29 -19.58 19.24 -8.30
CA ALA B 29 -20.61 19.61 -9.24
C ALA B 29 -20.49 18.79 -10.50
N TYR B 30 -21.57 18.77 -11.29
CA TYR B 30 -21.49 18.25 -12.65
C TYR B 30 -22.45 18.96 -13.58
N GLN B 31 -22.22 18.76 -14.87
CA GLN B 31 -23.08 19.27 -15.92
C GLN B 31 -23.30 18.19 -17.00
N PRO B 32 -24.56 17.92 -17.35
CA PRO B 32 -24.78 17.12 -18.57
C PRO B 32 -24.38 17.92 -19.80
N ALA B 33 -23.65 17.32 -20.74
CA ALA B 33 -23.29 17.98 -22.01
C ALA B 33 -24.52 18.44 -22.79
N GLY B 34 -24.45 19.67 -23.31
CA GLY B 34 -25.54 20.28 -24.07
C GLY B 34 -26.71 20.80 -23.25
N SER B 35 -26.49 21.04 -21.96
CA SER B 35 -27.56 21.51 -21.08
C SER B 35 -27.21 22.89 -20.54
N HIS B 36 -28.21 23.65 -20.10
CA HIS B 36 -28.00 24.95 -19.41
C HIS B 36 -28.15 24.80 -17.92
N GLU B 37 -28.24 23.56 -17.44
CA GLU B 37 -28.35 23.28 -16.02
C GLU B 37 -27.05 22.68 -15.54
N SER B 38 -26.73 22.95 -14.28
CA SER B 38 -25.63 22.32 -13.59
C SER B 38 -26.11 22.00 -12.18
N TYR B 39 -25.42 21.08 -11.52
CA TYR B 39 -25.87 20.61 -10.21
C TYR B 39 -24.69 20.59 -9.27
N PHE B 40 -24.90 21.19 -8.10
CA PHE B 40 -23.85 21.41 -7.13
C PHE B 40 -24.26 20.72 -5.86
N PHE B 41 -23.31 20.07 -5.20
CA PHE B 41 -23.56 19.53 -3.87
C PHE B 41 -23.79 20.68 -2.91
N LEU B 42 -24.59 20.39 -1.89
CA LEU B 42 -24.97 21.34 -0.87
C LEU B 42 -23.74 21.91 -0.14
N ASN B 43 -22.68 21.12 -0.01
CA ASN B 43 -21.49 21.58 0.66
C ASN B 43 -20.37 21.89 -0.30
N ALA B 44 -20.68 22.10 -1.58
CA ALA B 44 -19.64 22.56 -2.49
C ALA B 44 -19.05 23.86 -1.96
N PRO B 45 -17.73 24.04 -2.10
CA PRO B 45 -17.11 25.28 -1.64
C PRO B 45 -17.64 26.50 -2.42
N GLN B 46 -17.64 27.65 -1.74
CA GLN B 46 -18.20 28.89 -2.29
C GLN B 46 -17.59 29.27 -3.64
N LEU B 47 -16.28 29.09 -3.72
CA LEU B 47 -15.55 29.38 -4.92
C LEU B 47 -16.01 28.57 -6.13
N ALA B 48 -16.52 27.36 -5.90
CA ALA B 48 -17.06 26.53 -6.97
C ALA B 48 -18.20 27.24 -7.70
N PHE B 49 -19.09 27.88 -6.95
CA PHE B 49 -20.23 28.56 -7.58
C PHE B 49 -19.81 29.75 -8.42
N HIS B 50 -18.68 30.36 -8.08
CA HIS B 50 -18.23 31.58 -8.71
C HIS B 50 -17.39 31.30 -9.91
N THR B 51 -16.84 30.11 -10.00
CA THR B 51 -15.92 29.79 -11.08
C THR B 51 -16.37 28.66 -11.99
N LEU B 52 -17.32 27.81 -11.57
CA LEU B 52 -17.70 26.67 -12.42
C LEU B 52 -19.09 26.82 -12.99
N PHE B 53 -19.22 26.49 -14.27
CA PHE B 53 -20.52 26.41 -14.95
C PHE B 53 -21.31 27.69 -14.75
N THR B 54 -20.63 28.82 -14.89
CA THR B 54 -21.23 30.12 -14.57
C THR B 54 -22.22 30.60 -15.62
N ASP B 55 -22.16 30.03 -16.81
CA ASP B 55 -23.15 30.28 -17.85
C ASP B 55 -24.24 29.18 -17.85
N THR B 56 -24.64 28.72 -16.67
CA THR B 56 -25.71 27.73 -16.55
C THR B 56 -26.60 28.15 -15.40
N HIS B 57 -27.78 27.57 -15.31
CA HIS B 57 -28.58 27.66 -14.10
C HIS B 57 -27.96 26.68 -13.13
N GLN B 58 -27.50 27.17 -11.99
CA GLN B 58 -26.80 26.37 -11.01
C GLN B 58 -27.77 25.87 -9.98
N ASN B 59 -28.09 24.59 -10.04
CA ASN B 59 -28.99 23.99 -9.04
C ASN B 59 -28.17 23.43 -7.90
N VAL B 60 -28.74 23.50 -6.71
CA VAL B 60 -28.10 22.99 -5.51
C VAL B 60 -28.83 21.72 -5.06
N LEU B 61 -28.10 20.62 -4.94
CA LEU B 61 -28.70 19.35 -4.52
C LEU B 61 -29.01 19.40 -3.03
N ASN B 62 -29.94 18.57 -2.60
CA ASN B 62 -30.35 18.53 -1.20
C ASN B 62 -29.63 17.43 -0.43
N PHE B 63 -28.38 17.16 -0.81
CA PHE B 63 -27.49 16.30 -0.03
C PHE B 63 -26.07 16.73 -0.34
N ASP B 64 -25.12 16.29 0.49
CA ASP B 64 -23.75 16.69 0.33
C ASP B 64 -22.89 15.51 -0.15
N ASN B 65 -21.62 15.77 -0.38
CA ASN B 65 -20.76 14.80 -1.01
C ASN B 65 -20.11 13.83 -0.04
N THR B 66 -20.52 13.82 1.22
CA THR B 66 -19.99 12.83 2.14
C THR B 66 -20.71 11.50 1.85
N PHE B 67 -20.03 10.39 2.11
CA PHE B 67 -20.65 9.08 1.92
C PHE B 67 -21.90 8.90 2.77
N LYS B 68 -21.86 9.34 4.01
CA LYS B 68 -23.03 9.23 4.87
C LYS B 68 -24.23 9.93 4.26
N SER B 69 -24.02 11.14 3.76
CA SER B 69 -25.15 11.91 3.22
C SER B 69 -25.69 11.20 1.98
N LEU B 70 -24.78 10.76 1.14
CA LEU B 70 -25.18 10.02 -0.07
C LEU B 70 -25.94 8.75 0.26
N GLU B 71 -25.47 8.01 1.25
CA GLU B 71 -26.11 6.75 1.66
C GLU B 71 -27.49 7.03 2.25
N ASN B 72 -27.54 8.06 3.08
CA ASN B 72 -28.80 8.51 3.63
C ASN B 72 -29.84 8.83 2.55
N ALA B 73 -29.42 9.60 1.57
CA ALA B 73 -30.30 9.99 0.49
C ALA B 73 -30.64 8.82 -0.47
N ALA B 74 -29.71 7.88 -0.68
CA ALA B 74 -30.02 6.69 -1.50
C ALA B 74 -30.91 5.69 -0.75
N GLY B 75 -30.87 5.74 0.57
CA GLY B 75 -31.66 4.82 1.39
C GLY B 75 -30.98 3.49 1.62
N THR B 76 -29.73 3.35 1.18
CA THR B 76 -28.96 2.14 1.45
C THR B 76 -27.46 2.44 1.51
N THR B 77 -26.65 1.47 1.93
CA THR B 77 -25.22 1.69 2.13
C THR B 77 -24.38 1.13 0.98
N ARG B 78 -23.12 1.55 0.96
CA ARG B 78 -22.17 1.09 -0.06
C ARG B 78 -22.06 -0.45 -0.15
N GLN B 79 -22.24 -1.14 0.97
CA GLN B 79 -22.15 -2.60 1.03
C GLN B 79 -23.37 -3.32 0.45
N THR B 80 -24.26 -2.56 -0.17
CA THR B 80 -25.46 -3.04 -0.79
C THR B 80 -25.49 -2.70 -2.29
N ILE B 81 -24.59 -1.85 -2.74
CA ILE B 81 -24.72 -1.29 -4.07
C ILE B 81 -23.69 -1.89 -4.99
N VAL B 82 -24.16 -2.44 -6.10
CA VAL B 82 -23.29 -3.13 -7.03
C VAL B 82 -22.49 -2.13 -7.84
N LEU B 83 -21.22 -2.47 -8.07
CA LEU B 83 -20.30 -1.73 -8.91
C LEU B 83 -19.93 -2.59 -10.11
N GLY B 84 -19.57 -1.94 -11.21
CA GLY B 84 -19.20 -2.64 -12.43
C GLY B 84 -19.52 -1.80 -13.65
N VAL B 85 -19.30 -2.40 -14.81
CA VAL B 85 -19.44 -1.71 -16.08
C VAL B 85 -20.86 -1.21 -16.29
N ASP B 86 -21.84 -2.09 -16.08
CA ASP B 86 -23.22 -1.73 -16.37
C ASP B 86 -23.82 -0.84 -15.30
N PRO B 87 -23.50 -1.07 -14.02
CA PRO B 87 -23.94 -0.06 -13.05
C PRO B 87 -23.42 1.35 -13.35
N LEU B 88 -22.18 1.46 -13.83
CA LEU B 88 -21.59 2.74 -14.17
C LEU B 88 -22.32 3.38 -15.36
N ASP B 89 -22.61 2.58 -16.38
CA ASP B 89 -23.32 3.02 -17.57
C ASP B 89 -24.69 3.58 -17.18
N PHE B 90 -25.39 2.82 -16.33
CA PHE B 90 -26.67 3.20 -15.79
C PHE B 90 -26.53 4.55 -15.03
N ALA B 91 -25.50 4.65 -14.19
CA ALA B 91 -25.24 5.83 -13.39
C ALA B 91 -25.02 7.08 -14.25
N ILE B 92 -24.22 6.95 -15.29
CA ILE B 92 -23.96 8.06 -16.17
C ILE B 92 -25.30 8.57 -16.77
N SER B 93 -26.10 7.64 -17.29
CA SER B 93 -27.41 7.98 -17.85
C SER B 93 -28.31 8.71 -16.91
N ASN B 94 -28.36 8.25 -15.65
CA ASN B 94 -29.21 8.87 -14.67
C ASN B 94 -28.79 10.31 -14.36
N LEU B 95 -27.48 10.55 -14.28
CA LEU B 95 -26.95 11.90 -14.11
C LEU B 95 -27.25 12.76 -15.33
N PHE B 96 -27.09 12.19 -16.52
CA PHE B 96 -27.37 12.90 -17.75
C PHE B 96 -28.82 13.38 -17.84
N ASN B 97 -29.76 12.53 -17.41
CA ASN B 97 -31.17 12.87 -17.39
C ASN B 97 -31.58 13.62 -16.15
N ALA B 98 -30.64 13.80 -15.23
CA ALA B 98 -30.91 14.47 -13.96
C ALA B 98 -32.13 13.89 -13.26
N ASP B 99 -32.19 12.56 -13.22
CA ASP B 99 -33.30 11.87 -12.59
C ASP B 99 -33.19 11.92 -11.07
N PRO B 100 -34.07 12.70 -10.41
CA PRO B 100 -33.82 12.91 -8.99
C PRO B 100 -33.99 11.66 -8.12
N LYS B 101 -34.72 10.67 -8.60
CA LYS B 101 -34.85 9.38 -7.90
C LYS B 101 -33.52 8.61 -7.77
N LEU B 102 -32.70 8.65 -8.81
CA LEU B 102 -31.52 7.80 -8.92
C LEU B 102 -30.17 8.52 -8.74
N LEU B 103 -30.21 9.79 -8.35
CA LEU B 103 -29.01 10.62 -8.25
C LEU B 103 -28.05 10.17 -7.15
N PRO B 104 -28.53 10.04 -5.90
CA PRO B 104 -27.59 9.65 -4.85
C PRO B 104 -26.91 8.31 -5.15
N LEU B 105 -27.71 7.34 -5.57
CA LEU B 105 -27.20 6.02 -5.92
C LEU B 105 -26.15 6.12 -7.02
N SER B 106 -26.46 6.88 -8.06
CA SER B 106 -25.56 7.02 -9.21
C SER B 106 -24.25 7.67 -8.81
N PHE B 107 -24.31 8.68 -7.92
CA PHE B 107 -23.08 9.29 -7.40
C PHE B 107 -22.22 8.28 -6.62
N LEU B 108 -22.84 7.47 -5.79
CA LEU B 108 -22.12 6.42 -5.06
C LEU B 108 -21.32 5.48 -5.98
N VAL B 109 -21.93 5.08 -7.09
CA VAL B 109 -21.26 4.26 -8.07
C VAL B 109 -20.06 4.99 -8.68
N ILE B 110 -20.31 6.21 -9.17
CA ILE B 110 -19.33 6.95 -9.92
C ILE B 110 -18.15 7.35 -9.04
N ILE B 111 -18.44 7.86 -7.85
CA ILE B 111 -17.40 8.32 -6.95
C ILE B 111 -16.46 7.14 -6.62
N GLN B 112 -17.03 6.00 -6.29
CA GLN B 112 -16.21 4.85 -5.94
C GLN B 112 -15.37 4.35 -7.10
N MET B 113 -15.99 4.24 -8.27
CA MET B 113 -15.34 3.66 -9.43
C MET B 113 -14.34 4.60 -10.08
N VAL B 114 -14.41 5.90 -9.78
CA VAL B 114 -13.47 6.86 -10.37
C VAL B 114 -12.54 7.47 -9.31
N LEU B 115 -13.10 8.09 -8.28
CA LEU B 115 -12.27 8.81 -7.34
C LEU B 115 -11.60 7.86 -6.36
N GLU B 116 -12.37 6.93 -5.79
CA GLU B 116 -11.82 6.04 -4.78
C GLU B 116 -10.83 5.05 -5.40
N ALA B 117 -11.10 4.62 -6.63
CA ALA B 117 -10.14 3.80 -7.38
C ALA B 117 -8.85 4.54 -7.63
N SER B 118 -8.92 5.86 -7.86
CA SER B 118 -7.70 6.64 -8.08
C SER B 118 -6.84 6.70 -6.82
N LYS B 119 -7.47 6.64 -5.66
CA LYS B 119 -6.76 6.78 -4.39
C LYS B 119 -6.02 5.49 -3.99
N PHE B 120 -6.61 4.34 -4.36
CA PHE B 120 -6.17 3.04 -3.88
C PHE B 120 -6.04 2.02 -5.03
N ARG B 121 -4.86 1.42 -5.17
CA ARG B 121 -4.60 0.32 -6.11
C ARG B 121 -5.53 -0.86 -5.88
N PHE B 122 -5.82 -1.18 -4.63
CA PHE B 122 -6.72 -2.30 -4.32
C PHE B 122 -8.12 -2.10 -4.91
N ILE B 123 -8.59 -0.86 -4.91
CA ILE B 123 -9.92 -0.55 -5.44
C ILE B 123 -9.86 -0.49 -6.96
N GLU B 124 -8.85 0.14 -7.49
CA GLU B 124 -8.61 0.10 -8.92
C GLU B 124 -8.66 -1.34 -9.46
N GLN B 125 -7.93 -2.25 -8.80
CA GLN B 125 -7.83 -3.63 -9.24
C GLN B 125 -9.16 -4.36 -9.10
N SER B 126 -9.87 -4.13 -8.00
CA SER B 126 -11.19 -4.71 -7.88
C SER B 126 -12.11 -4.29 -9.03
N VAL B 127 -12.08 -3.00 -9.36
CA VAL B 127 -12.91 -2.51 -10.46
C VAL B 127 -12.47 -3.09 -11.81
N ALA B 128 -11.16 -3.13 -12.07
CA ALA B 128 -10.64 -3.68 -13.32
C ALA B 128 -11.16 -5.10 -13.58
N TYR B 129 -11.20 -5.94 -12.55
CA TYR B 129 -11.76 -7.28 -12.68
C TYR B 129 -13.20 -7.28 -13.18
N SER B 130 -13.99 -6.28 -12.76
CA SER B 130 -15.42 -6.21 -13.12
C SER B 130 -15.53 -5.93 -14.61
N PHE B 131 -14.59 -5.15 -15.13
CA PHE B 131 -14.50 -4.92 -16.58
C PHE B 131 -14.09 -6.19 -17.33
N LYS B 132 -13.17 -6.97 -16.76
CA LYS B 132 -12.65 -8.17 -17.43
C LYS B 132 -13.70 -9.27 -17.53
N ASN B 133 -14.25 -9.68 -16.40
CA ASN B 133 -15.25 -10.74 -16.33
C ASN B 133 -16.67 -10.26 -16.62
N GLU B 134 -16.84 -8.97 -16.94
CA GLU B 134 -18.15 -8.39 -17.17
C GLU B 134 -19.17 -8.87 -16.13
N LYS B 135 -18.72 -8.86 -14.88
CA LYS B 135 -19.52 -9.25 -13.75
C LYS B 135 -19.44 -8.19 -12.65
N THR B 136 -20.59 -8.02 -12.01
CA THR B 136 -20.80 -7.09 -10.94
C THR B 136 -20.22 -7.59 -9.58
N PHE B 137 -19.78 -6.66 -8.72
CA PHE B 137 -19.42 -6.99 -7.32
C PHE B 137 -19.96 -5.96 -6.35
N ILE B 138 -20.09 -6.36 -5.10
CA ILE B 138 -20.49 -5.47 -4.02
C ILE B 138 -19.27 -5.30 -3.10
N PRO B 139 -18.89 -4.05 -2.80
CA PRO B 139 -17.74 -3.84 -1.93
C PRO B 139 -17.98 -4.37 -0.53
N ASP B 140 -16.94 -4.93 0.06
CA ASP B 140 -17.03 -5.42 1.43
C ASP B 140 -16.19 -4.48 2.31
N LEU B 141 -15.90 -4.90 3.53
CA LEU B 141 -15.17 -4.08 4.49
C LEU B 141 -13.74 -3.74 4.06
N ALA B 142 -13.14 -4.58 3.24
CA ALA B 142 -11.84 -4.28 2.68
C ALA B 142 -11.86 -2.95 1.94
N ILE B 143 -12.81 -2.77 1.02
CA ILE B 143 -12.93 -1.55 0.25
C ILE B 143 -13.42 -0.39 1.14
N VAL B 144 -14.50 -0.61 1.88
CA VAL B 144 -15.10 0.44 2.69
C VAL B 144 -14.15 1.03 3.72
N SER B 145 -13.34 0.19 4.37
CA SER B 145 -12.39 0.65 5.39
C SER B 145 -11.27 1.53 4.79
N LEU B 146 -10.89 1.26 3.55
CA LEU B 146 -9.96 2.12 2.85
C LEU B 146 -10.60 3.48 2.56
N GLU B 147 -11.83 3.47 2.05
CA GLU B 147 -12.53 4.72 1.72
C GLU B 147 -12.68 5.62 2.95
N ASP B 148 -13.16 5.03 4.03
CA ASP B 148 -13.42 5.76 5.25
C ASP B 148 -12.16 6.26 5.97
N ASN B 149 -11.01 5.63 5.74
CA ASN B 149 -9.76 6.02 6.43
C ASN B 149 -8.73 6.76 5.62
N TRP B 150 -9.04 7.11 4.37
CA TRP B 150 -8.06 7.74 3.47
C TRP B 150 -7.44 9.02 4.04
N SER B 151 -8.28 9.85 4.62
CA SER B 151 -7.81 11.09 5.22
C SER B 151 -6.83 10.83 6.36
N GLU B 152 -7.22 9.93 7.24
CA GLU B 152 -6.44 9.54 8.40
C GLU B 152 -5.13 8.84 7.99
N ILE B 153 -5.20 7.95 6.99
CA ILE B 153 -3.99 7.31 6.44
C ILE B 153 -3.05 8.34 5.86
N SER B 154 -3.58 9.25 5.07
CA SER B 154 -2.73 10.32 4.57
C SER B 154 -2.04 11.11 5.71
N LEU B 155 -2.80 11.45 6.77
CA LEU B 155 -2.21 12.15 7.91
C LEU B 155 -1.10 11.34 8.55
N GLN B 156 -1.33 10.05 8.77
CA GLN B 156 -0.35 9.22 9.44
C GLN B 156 0.91 9.00 8.60
N ILE B 157 0.76 8.95 7.28
CA ILE B 157 1.94 8.87 6.43
C ILE B 157 2.82 10.10 6.64
N GLN B 158 2.19 11.28 6.59
CA GLN B 158 2.95 12.52 6.79
C GLN B 158 3.56 12.59 8.18
N ALA B 159 2.78 12.18 9.17
CA ALA B 159 3.22 12.19 10.54
C ALA B 159 4.40 11.25 10.77
N SER B 160 4.39 10.12 10.07
CA SER B 160 5.41 9.08 10.20
C SER B 160 6.82 9.55 9.84
N THR B 161 6.93 10.64 9.09
CA THR B 161 8.24 11.14 8.71
C THR B 161 9.04 11.67 9.90
N SER B 162 8.37 11.97 11.02
CA SER B 162 9.05 12.47 12.22
C SER B 162 9.54 11.36 13.15
N LEU B 163 9.12 10.12 12.92
CA LEU B 163 9.56 9.04 13.79
C LEU B 163 9.67 7.67 13.08
N GLN B 164 10.59 7.56 12.13
CA GLN B 164 11.02 6.24 11.63
C GLN B 164 9.91 5.47 10.92
N GLY B 165 8.94 6.16 10.34
CA GLY B 165 7.86 5.50 9.60
C GLY B 165 6.75 4.94 10.45
N LEU B 166 6.78 5.27 11.74
CA LEU B 166 5.74 4.87 12.65
C LEU B 166 4.60 5.89 12.69
N PHE B 167 3.38 5.37 12.74
CA PHE B 167 2.19 6.19 12.81
C PHE B 167 2.01 6.75 14.22
N GLY B 168 1.27 7.85 14.32
CA GLY B 168 0.94 8.43 15.61
C GLY B 168 -0.28 7.74 16.19
N SER B 169 -1.03 7.08 15.32
CA SER B 169 -2.24 6.41 15.72
C SER B 169 -2.47 5.16 14.85
N VAL B 170 -3.14 4.16 15.40
CA VAL B 170 -3.46 2.94 14.67
C VAL B 170 -4.60 3.18 13.68
N VAL B 171 -4.46 2.65 12.46
CA VAL B 171 -5.57 2.59 11.51
C VAL B 171 -6.08 1.15 11.42
N GLU B 172 -7.40 0.98 11.42
CA GLU B 172 -8.06 -0.30 11.39
C GLU B 172 -8.53 -0.63 9.98
N LEU B 173 -7.85 -1.55 9.32
CA LEU B 173 -8.26 -2.01 7.99
C LEU B 173 -8.70 -3.46 8.03
N TYR B 174 -9.48 -3.84 7.02
CA TYR B 174 -9.94 -5.19 6.85
C TYR B 174 -9.38 -5.80 5.59
N ASN B 175 -9.14 -7.12 5.61
CA ASN B 175 -8.75 -7.86 4.41
C ASN B 175 -9.99 -8.45 3.78
N SER B 176 -9.81 -9.12 2.64
CA SER B 176 -10.95 -9.70 1.92
C SER B 176 -11.67 -10.83 2.68
N ASN B 177 -11.06 -11.39 3.71
CA ASN B 177 -11.75 -12.36 4.56
C ASN B 177 -12.36 -11.71 5.80
N ASN B 178 -12.47 -10.39 5.78
CA ASN B 178 -13.01 -9.62 6.89
C ASN B 178 -12.27 -9.77 8.21
N GLU B 179 -10.97 -10.08 8.14
CA GLU B 179 -10.13 -10.10 9.33
C GLU B 179 -9.63 -8.69 9.53
N LEU B 180 -9.59 -8.25 10.79
CA LEU B 180 -9.04 -6.94 11.15
C LEU B 180 -7.53 -6.94 11.08
N ILE B 181 -6.95 -5.88 10.51
CA ILE B 181 -5.52 -5.69 10.49
C ILE B 181 -5.25 -4.29 10.99
N GLU B 182 -4.72 -4.18 12.21
CA GLU B 182 -4.34 -2.90 12.79
C GLU B 182 -2.96 -2.50 12.31
N VAL B 183 -2.89 -1.40 11.57
CA VAL B 183 -1.65 -0.92 10.98
C VAL B 183 -1.16 0.30 11.78
N ASP B 184 0.10 0.28 12.17
CA ASP B 184 0.68 1.33 13.00
C ASP B 184 1.99 1.86 12.44
N SER B 185 2.28 1.56 11.16
CA SER B 185 3.50 2.04 10.52
C SER B 185 3.35 1.95 9.02
N ILE B 186 4.30 2.53 8.30
CA ILE B 186 4.30 2.43 6.85
C ILE B 186 4.81 1.08 6.31
N TYR B 187 5.33 0.20 7.18
CA TYR B 187 6.07 -0.96 6.71
C TYR B 187 5.12 -2.10 6.42
N TYR B 188 3.97 -1.77 5.84
CA TYR B 188 2.98 -2.74 5.41
C TYR B 188 2.64 -2.49 3.94
N PRO B 189 2.67 -3.55 3.11
CA PRO B 189 2.39 -3.30 1.69
C PRO B 189 0.99 -2.76 1.45
N ILE B 190 0.05 -3.10 2.32
CA ILE B 190 -1.31 -2.61 2.17
C ILE B 190 -1.44 -1.11 2.46
N ILE B 191 -0.34 -0.47 2.86
CA ILE B 191 -0.29 0.96 2.84
C ILE B 191 0.58 1.43 1.70
N LEU B 192 1.85 1.06 1.76
CA LEU B 192 2.86 1.61 0.90
C LEU B 192 2.64 1.29 -0.59
N ALA B 193 2.13 0.12 -0.89
CA ALA B 193 1.90 -0.27 -2.29
C ALA B 193 0.45 -0.10 -2.71
N ASN B 194 -0.36 0.55 -1.90
CA ASN B 194 -1.79 0.63 -2.13
C ASN B 194 -2.25 2.10 -2.34
N VAL B 195 -1.90 2.97 -1.39
CA VAL B 195 -2.24 4.36 -1.45
C VAL B 195 -1.51 5.01 -2.61
N ALA B 196 -2.26 5.55 -3.57
CA ALA B 196 -1.63 6.13 -4.76
C ALA B 196 -1.65 7.63 -4.73
N LEU B 197 -2.56 8.22 -3.93
CA LEU B 197 -2.64 9.66 -3.77
C LEU B 197 -2.90 9.96 -2.32
N GLN B 198 -2.29 11.01 -1.77
CA GLN B 198 -2.56 11.35 -0.38
C GLN B 198 -3.03 12.78 -0.21
N LEU B 199 -3.99 12.94 0.69
CA LEU B 199 -4.47 14.26 1.09
C LEU B 199 -3.37 15.01 1.85
N TYR B 200 -3.15 16.27 1.49
CA TYR B 200 -2.27 17.16 2.23
C TYR B 200 -2.81 17.54 3.61
N HIS B 201 -2.00 17.34 4.64
CA HIS B 201 -2.31 17.82 5.99
C HIS B 201 -1.23 18.75 6.48
N CYS B 202 0.04 18.36 6.27
CA CYS B 202 1.16 19.11 6.84
C CYS B 202 2.35 19.18 5.90
N GLN B 203 3.15 20.25 6.04
CA GLN B 203 4.37 20.42 5.26
C GLN B 203 5.56 19.76 5.93
N VAL B 204 5.77 18.47 5.65
CA VAL B 204 6.95 17.73 6.19
C VAL B 204 7.81 17.25 5.03
N SER B 205 8.83 16.42 5.28
CA SER B 205 9.62 15.82 4.20
C SER B 205 10.44 14.57 4.58
N THR B 206 10.65 13.70 3.59
CA THR B 206 11.73 12.71 3.58
C THR B 206 12.68 13.08 2.44
N ASN C 1 -4.44 13.46 17.03
CA ASN C 1 -4.03 13.60 15.61
C ASN C 1 -3.15 14.82 15.38
N GLU C 2 -1.91 14.58 14.98
CA GLU C 2 -0.98 15.66 14.71
C GLU C 2 0.16 15.10 13.85
N CYS C 3 0.88 16.02 13.25
CA CYS C 3 1.88 15.73 12.28
C CYS C 3 3.23 15.43 12.89
N ILE C 4 3.29 15.47 14.21
CA ILE C 4 4.51 15.13 14.91
C ILE C 4 4.23 14.00 15.88
N VAL C 5 5.11 13.00 15.87
CA VAL C 5 4.97 11.85 16.75
C VAL C 5 6.22 11.82 17.62
N GLU C 6 6.02 11.90 18.93
CA GLU C 6 7.17 12.05 19.85
C GLU C 6 7.80 10.70 20.17
N THR C 7 6.95 9.72 20.53
CA THR C 7 7.41 8.37 20.82
C THR C 7 6.32 7.36 20.46
N ARG C 8 6.72 6.13 20.17
CA ARG C 8 5.78 5.04 19.88
C ARG C 8 6.30 3.72 20.40
N THR C 9 5.36 2.86 20.82
CA THR C 9 5.71 1.53 21.29
C THR C 9 5.11 0.50 20.35
N THR C 10 5.96 -0.35 19.78
CA THR C 10 5.49 -1.37 18.81
C THR C 10 6.30 -2.68 18.93
N ARG C 11 6.14 -3.60 17.97
CA ARG C 11 6.99 -4.80 17.87
C ARG C 11 7.89 -4.72 16.66
N ILE C 12 8.94 -5.53 16.69
CA ILE C 12 9.84 -5.70 15.56
C ILE C 12 9.85 -7.20 15.24
N SER C 13 9.36 -7.56 14.06
CA SER C 13 9.37 -8.96 13.63
C SER C 13 10.24 -9.12 12.40
N GLY C 14 10.63 -10.36 12.12
CA GLY C 14 11.47 -10.64 10.95
C GLY C 14 11.57 -12.10 10.58
N ARG C 15 12.82 -12.59 10.51
CA ARG C 15 13.15 -13.99 10.20
C ARG C 15 12.07 -14.97 10.59
N ASP C 16 11.49 -15.63 9.59
CA ASP C 16 10.46 -16.64 9.81
C ASP C 16 9.29 -16.17 10.68
N ALA C 17 9.08 -14.84 10.74
CA ALA C 17 7.96 -14.24 11.48
C ALA C 17 8.17 -14.18 12.97
N LEU C 18 9.41 -14.30 13.42
CA LEU C 18 9.70 -14.27 14.84
C LEU C 18 9.97 -12.85 15.28
N CYS C 19 9.82 -12.61 16.59
CA CYS C 19 9.95 -11.29 17.18
C CYS C 19 11.26 -11.07 17.93
N VAL C 20 11.75 -9.84 17.86
CA VAL C 20 12.89 -9.38 18.62
C VAL C 20 12.49 -9.30 20.11
N ASP C 21 13.30 -9.95 20.94
CA ASP C 21 12.92 -10.30 22.30
C ASP C 21 14.18 -10.26 23.16
N VAL C 22 14.16 -9.47 24.23
CA VAL C 22 15.33 -9.40 25.11
C VAL C 22 15.30 -10.63 26.03
N ALA C 23 16.35 -11.45 25.94
CA ALA C 23 16.36 -12.80 26.51
C ALA C 23 15.96 -12.85 27.99
N GLY C 24 14.87 -13.57 28.28
CA GLY C 24 14.43 -13.84 29.65
C GLY C 24 13.90 -12.67 30.48
N ALA C 25 13.79 -11.49 29.86
CA ALA C 25 13.36 -10.27 30.54
C ALA C 25 14.44 -9.71 31.45
N LEU C 26 15.71 -10.05 31.18
CA LEU C 26 16.85 -9.52 31.93
C LEU C 26 17.01 -8.04 31.67
N THR C 27 17.49 -7.30 32.68
CA THR C 27 17.65 -5.86 32.58
C THR C 27 19.08 -5.38 32.85
N SER C 28 20.03 -6.30 32.82
CA SER C 28 21.43 -5.98 33.13
C SER C 28 22.07 -5.28 31.95
N ASP C 29 22.72 -4.14 32.20
CA ASP C 29 23.28 -3.31 31.15
C ASP C 29 24.31 -4.07 30.30
N GLY C 30 23.80 -4.92 29.42
CA GLY C 30 24.59 -5.89 28.65
C GLY C 30 23.85 -7.16 28.24
N SER C 31 22.60 -7.31 28.67
CA SER C 31 21.78 -8.46 28.30
C SER C 31 21.61 -8.59 26.78
N ARG C 32 21.27 -9.80 26.34
CA ARG C 32 21.26 -10.16 24.91
C ARG C 32 19.83 -10.26 24.36
N LEU C 33 19.71 -10.07 23.04
CA LEU C 33 18.39 -10.14 22.38
C LEU C 33 18.32 -11.27 21.36
N ILE C 34 17.21 -12.00 21.42
CA ILE C 34 16.98 -13.16 20.58
C ILE C 34 15.78 -12.98 19.65
N LEU C 35 15.64 -13.89 18.68
CA LEU C 35 14.36 -14.14 18.02
C LEU C 35 13.56 -15.07 18.92
N TYR C 36 12.26 -14.83 19.03
CA TYR C 36 11.39 -15.66 19.85
C TYR C 36 9.94 -15.55 19.34
N PRO C 37 9.13 -16.61 19.47
CA PRO C 37 7.72 -16.50 19.13
C PRO C 37 7.09 -15.19 19.60
N CYS C 38 6.34 -14.53 18.72
CA CYS C 38 5.71 -13.26 19.05
C CYS C 38 4.62 -13.48 20.05
N GLY C 39 4.57 -12.60 21.05
CA GLY C 39 3.51 -12.60 22.04
C GLY C 39 3.36 -11.21 22.62
N GLN C 40 2.53 -11.09 23.65
CA GLN C 40 2.23 -9.78 24.23
C GLN C 40 3.16 -9.41 25.40
N GLN C 41 4.25 -10.14 25.59
CA GLN C 41 5.13 -9.93 26.74
C GLN C 41 5.96 -8.66 26.60
N VAL C 42 6.09 -7.94 27.72
CA VAL C 42 6.70 -6.61 27.75
C VAL C 42 8.13 -6.55 27.25
N ASN C 43 8.83 -7.69 27.29
CA ASN C 43 10.21 -7.78 26.76
C ASN C 43 10.26 -7.88 25.23
N GLN C 44 9.08 -7.89 24.59
CA GLN C 44 9.00 -7.79 23.13
C GLN C 44 8.48 -6.43 22.64
N LYS C 45 8.11 -5.55 23.57
CA LYS C 45 7.69 -4.20 23.25
C LYS C 45 8.92 -3.35 23.06
N TRP C 46 8.95 -2.59 21.98
CA TRP C 46 10.04 -1.69 21.71
C TRP C 46 9.49 -0.29 21.48
N THR C 47 10.16 0.68 22.10
CA THR C 47 9.74 2.05 22.11
C THR C 47 10.77 2.90 21.38
N PHE C 48 10.31 3.61 20.36
CA PHE C 48 11.15 4.49 19.56
C PHE C 48 10.98 5.93 20.02
N HIS C 49 12.09 6.67 20.14
CA HIS C 49 12.08 8.04 20.63
C HIS C 49 12.63 8.98 19.60
N SER C 50 12.40 10.28 19.79
CA SER C 50 12.98 11.32 18.91
C SER C 50 14.52 11.40 18.97
N ASP C 51 15.10 10.77 19.99
CA ASP C 51 16.54 10.47 20.09
C ASP C 51 17.14 9.83 18.85
N GLY C 52 16.39 8.90 18.26
CA GLY C 52 16.96 7.89 17.37
C GLY C 52 17.28 6.63 18.17
N THR C 53 16.80 6.57 19.41
CA THR C 53 17.04 5.42 20.26
C THR C 53 15.82 4.52 20.24
N VAL C 54 16.08 3.23 20.45
CA VAL C 54 15.08 2.20 20.47
C VAL C 54 15.20 1.49 21.82
N ARG C 55 14.10 1.37 22.56
CA ARG C 55 14.16 0.97 23.97
C ARG C 55 13.21 -0.14 24.32
N SER C 56 13.69 -1.12 25.08
CA SER C 56 12.84 -2.08 25.75
C SER C 56 13.20 -2.11 27.24
N LEU C 57 12.20 -2.39 28.06
CA LEU C 57 12.36 -2.46 29.52
C LEU C 57 13.02 -1.24 30.18
N GLY C 58 13.03 -0.11 29.49
CA GLY C 58 13.64 1.11 30.02
C GLY C 58 15.07 1.33 29.55
N LYS C 59 15.69 0.28 29.00
CA LYS C 59 17.08 0.38 28.52
C LYS C 59 17.10 0.33 26.99
N CYS C 60 18.08 1.00 26.38
CA CYS C 60 18.09 1.11 24.93
C CYS C 60 19.13 0.28 24.17
N LEU C 61 18.63 -0.39 23.13
CA LEU C 61 19.39 -1.17 22.16
C LEU C 61 20.74 -0.56 21.77
N ALA C 62 21.79 -1.38 21.77
CA ALA C 62 23.15 -0.88 21.53
C ALA C 62 24.08 -1.90 20.88
N THR C 63 25.11 -1.37 20.22
CA THR C 63 26.13 -2.17 19.58
C THR C 63 27.50 -1.48 19.62
N ASN C 64 28.46 -2.12 20.31
CA ASN C 64 29.85 -1.66 20.36
C ASN C 64 30.80 -2.85 20.20
N ASN C 65 31.63 -2.79 19.16
CA ASN C 65 32.53 -3.90 18.81
C ASN C 65 33.43 -4.30 19.98
N SER C 66 33.88 -3.29 20.73
CA SER C 66 34.66 -3.50 21.94
C SER C 66 33.81 -4.07 23.07
N LYS C 67 32.75 -3.35 23.44
CA LYS C 67 31.95 -3.67 24.62
C LYS C 67 31.35 -5.07 24.57
N PHE C 68 30.54 -5.33 23.54
CA PHE C 68 29.78 -6.58 23.46
C PHE C 68 30.14 -7.44 22.25
N GLY C 69 31.25 -7.11 21.56
CA GLY C 69 31.59 -7.77 20.30
C GLY C 69 30.68 -7.24 19.21
N ASN C 70 30.34 -8.09 18.23
CA ASN C 70 29.33 -7.76 17.23
C ASN C 70 27.91 -8.24 17.63
N LEU C 71 27.74 -8.64 18.89
CA LEU C 71 26.45 -8.97 19.47
C LEU C 71 25.68 -7.68 19.74
N VAL C 72 24.35 -7.78 19.79
CA VAL C 72 23.51 -6.60 20.01
C VAL C 72 22.87 -6.74 21.38
N VAL C 73 22.94 -5.66 22.16
CA VAL C 73 22.53 -5.69 23.57
C VAL C 73 21.71 -4.45 23.90
N ILE C 74 21.01 -4.51 25.02
CA ILE C 74 20.48 -3.30 25.67
C ILE C 74 21.40 -2.91 26.82
N TYR C 75 21.65 -1.60 26.96
CA TYR C 75 22.43 -1.08 28.08
C TYR C 75 21.66 0.02 28.78
N ASP C 76 22.31 0.71 29.72
CA ASP C 76 21.77 1.94 30.29
C ASP C 76 22.03 3.03 29.27
N CYS C 77 21.04 3.88 29.03
CA CYS C 77 21.12 4.87 27.95
C CYS C 77 22.13 5.99 28.22
N SER C 78 22.35 6.31 29.50
CA SER C 78 23.32 7.36 29.87
C SER C 78 24.73 6.80 30.11
N LYS C 79 24.85 5.50 30.37
CA LYS C 79 26.14 4.88 30.71
C LYS C 79 27.10 4.66 29.54
N LEU C 80 26.59 4.60 28.30
CA LEU C 80 27.45 4.43 27.11
C LEU C 80 27.24 5.51 26.04
N ALA C 81 28.16 5.56 25.08
CA ALA C 81 28.25 6.66 24.10
C ALA C 81 27.02 6.74 23.18
N ALA C 82 26.67 7.96 22.79
CA ALA C 82 25.50 8.21 21.94
C ALA C 82 25.57 7.45 20.62
N GLU C 83 26.74 7.48 19.98
CA GLU C 83 26.93 6.85 18.68
C GLU C 83 26.52 5.38 18.62
N ASP C 84 26.51 4.71 19.76
CA ASP C 84 26.26 3.26 19.83
C ASP C 84 24.80 2.90 20.06
N ILE C 85 23.96 3.91 20.30
CA ILE C 85 22.53 3.70 20.54
C ILE C 85 21.63 4.46 19.54
N SER C 86 22.22 4.93 18.45
CA SER C 86 21.48 5.49 17.32
C SER C 86 20.95 4.37 16.41
N TRP C 87 19.75 4.55 15.87
CA TRP C 87 19.19 3.58 14.93
C TRP C 87 18.42 4.26 13.80
N ASP C 88 18.45 3.63 12.63
CA ASP C 88 17.70 4.08 11.47
C ASP C 88 16.97 2.88 10.87
N VAL C 89 15.68 3.07 10.56
CA VAL C 89 14.87 2.07 9.86
C VAL C 89 14.60 2.56 8.44
N SER C 90 14.82 1.68 7.46
CA SER C 90 14.63 1.99 6.03
C SER C 90 13.35 1.34 5.53
N VAL C 91 12.82 1.91 4.44
CA VAL C 91 11.63 1.37 3.79
C VAL C 91 11.78 -0.09 3.39
N GLY C 92 12.99 -0.49 3.03
CA GLY C 92 13.27 -1.88 2.65
C GLY C 92 13.41 -2.88 3.79
N GLY C 93 13.24 -2.44 5.03
CA GLY C 93 13.29 -3.34 6.20
C GLY C 93 14.66 -3.52 6.86
N THR C 94 15.63 -2.69 6.48
CA THR C 94 16.94 -2.70 7.11
C THR C 94 16.95 -1.82 8.37
N ILE C 95 17.36 -2.41 9.48
CA ILE C 95 17.61 -1.70 10.71
C ILE C 95 19.12 -1.62 10.90
N MET C 96 19.64 -0.41 11.02
CA MET C 96 21.09 -0.21 11.13
C MET C 96 21.43 1.00 12.02
N ASN C 97 22.70 1.11 12.37
CA ASN C 97 23.24 2.26 13.11
C ASN C 97 24.01 3.18 12.16
N PRO C 98 23.49 4.39 11.90
CA PRO C 98 24.07 5.32 10.92
C PRO C 98 25.60 5.50 10.99
N ASN C 99 26.18 5.35 12.17
CA ASN C 99 27.62 5.55 12.36
C ASN C 99 28.46 4.37 11.82
N TYR C 100 27.92 3.15 11.92
CA TYR C 100 28.58 1.95 11.42
C TYR C 100 27.93 1.53 10.12
N GLU C 101 28.31 2.19 9.03
CA GLU C 101 27.54 2.19 7.81
C GLU C 101 27.45 0.84 7.08
N ASP C 102 28.38 -0.07 7.36
CA ASP C 102 28.45 -1.32 6.61
C ASP C 102 27.67 -2.44 7.26
N LEU C 103 27.21 -2.22 8.48
CA LEU C 103 26.60 -3.28 9.28
C LEU C 103 25.08 -3.15 9.32
N ALA C 104 24.42 -4.22 9.79
CA ALA C 104 22.96 -4.28 9.81
C ALA C 104 22.48 -5.38 10.74
N LEU C 105 21.34 -5.16 11.39
CA LEU C 105 20.83 -6.12 12.34
C LEU C 105 20.51 -7.43 11.63
N THR C 106 21.00 -8.53 12.20
CA THR C 106 20.94 -9.84 11.55
C THR C 106 20.55 -10.95 12.51
N SER C 107 19.92 -11.99 11.99
CA SER C 107 19.65 -13.19 12.74
C SER C 107 20.13 -14.38 11.91
N ASN C 108 21.37 -14.81 12.18
CA ASN C 108 22.09 -15.81 11.39
C ASN C 108 21.42 -17.19 11.31
N LYS C 109 20.61 -17.53 12.31
CA LYS C 109 19.84 -18.78 12.27
C LYS C 109 18.34 -18.50 12.30
N ALA C 110 17.56 -19.42 11.74
CA ALA C 110 16.11 -19.25 11.65
C ALA C 110 15.41 -19.77 12.90
N THR C 111 16.19 -20.22 13.87
CA THR C 111 15.66 -20.98 15.00
C THR C 111 15.32 -20.09 16.22
N ARG C 112 14.29 -20.52 16.94
CA ARG C 112 13.93 -19.97 18.25
C ARG C 112 15.17 -19.80 19.14
N SER C 113 15.23 -18.67 19.84
CA SER C 113 16.32 -18.34 20.77
C SER C 113 17.70 -18.07 20.13
N THR C 114 17.73 -17.78 18.82
CA THR C 114 18.97 -17.37 18.16
C THR C 114 19.45 -16.00 18.63
N ASN C 115 20.75 -15.86 18.87
CA ASN C 115 21.33 -14.57 19.23
C ASN C 115 21.33 -13.63 18.04
N LEU C 116 20.86 -12.40 18.24
CA LEU C 116 20.89 -11.38 17.20
C LEU C 116 22.23 -10.68 17.21
N THR C 117 22.68 -10.30 16.02
CA THR C 117 24.04 -9.83 15.83
C THR C 117 24.08 -8.75 14.77
N MET C 118 25.13 -7.93 14.83
CA MET C 118 25.48 -7.03 13.74
C MET C 118 26.44 -7.76 12.79
N GLU C 119 26.11 -7.71 11.50
CA GLU C 119 26.88 -8.37 10.45
C GLU C 119 26.96 -7.45 9.25
N VAL C 120 27.86 -7.77 8.34
CA VAL C 120 27.97 -6.99 7.11
C VAL C 120 26.62 -7.01 6.40
N ASN C 121 26.25 -5.89 5.79
CA ASN C 121 24.95 -5.78 5.13
C ASN C 121 25.01 -6.31 3.71
N THR C 122 24.36 -7.45 3.48
CA THR C 122 24.21 -8.02 2.14
C THR C 122 22.74 -8.08 1.70
N TYR C 123 21.86 -7.42 2.45
CA TYR C 123 20.44 -7.34 2.09
C TYR C 123 19.80 -8.70 1.98
N SER C 124 20.08 -9.53 2.98
CA SER C 124 19.58 -10.88 3.07
C SER C 124 18.25 -10.88 3.80
N ALA C 125 17.49 -11.96 3.60
CA ALA C 125 16.24 -12.18 4.31
C ALA C 125 16.46 -12.29 5.81
N SER C 126 17.66 -12.71 6.20
CA SER C 126 18.05 -12.74 7.61
C SER C 126 18.32 -11.32 8.16
N GLN C 127 18.39 -10.33 7.26
CA GLN C 127 18.55 -8.91 7.63
C GLN C 127 17.30 -8.02 7.35
N GLY C 128 16.14 -8.66 7.19
CA GLY C 128 14.91 -7.95 6.87
C GLY C 128 13.98 -7.90 8.06
N TRP C 129 13.46 -6.72 8.36
CA TRP C 129 12.60 -6.56 9.55
C TRP C 129 11.38 -5.72 9.25
N ARG C 130 10.27 -6.04 9.94
CA ARG C 130 9.06 -5.25 9.95
C ARG C 130 8.87 -4.59 11.32
N VAL C 131 8.97 -3.27 11.34
CA VAL C 131 8.63 -2.50 12.53
C VAL C 131 7.14 -2.20 12.49
N GLY C 132 6.41 -2.74 13.44
CA GLY C 132 4.98 -2.65 13.41
C GLY C 132 4.38 -3.68 14.31
N ASN C 133 3.15 -3.44 14.73
CA ASN C 133 2.53 -4.22 15.79
C ASN C 133 1.78 -5.43 15.25
N TYR C 134 1.48 -5.43 13.96
CA TYR C 134 0.87 -6.60 13.33
C TYR C 134 2.01 -7.46 12.79
N VAL C 135 2.23 -8.62 13.42
CA VAL C 135 3.42 -9.45 13.13
C VAL C 135 3.15 -10.58 12.15
N GLN C 136 1.88 -10.93 11.96
CA GLN C 136 1.52 -12.00 11.09
C GLN C 136 1.89 -11.74 9.63
N PRO C 137 2.04 -12.83 8.86
CA PRO C 137 2.25 -12.71 7.42
C PRO C 137 0.97 -12.18 6.74
N ILE C 138 1.17 -11.38 5.69
CA ILE C 138 0.05 -10.85 4.92
C ILE C 138 -0.25 -11.82 3.78
N ILE C 139 -1.45 -12.40 3.80
CA ILE C 139 -1.87 -13.32 2.75
C ILE C 139 -2.55 -12.61 1.60
N GLY C 140 -2.16 -12.92 0.37
CA GLY C 140 -2.94 -12.49 -0.78
C GLY C 140 -2.50 -13.07 -2.10
N SER C 141 -3.18 -12.64 -3.17
CA SER C 141 -2.76 -12.94 -4.53
C SER C 141 -1.89 -11.82 -5.01
N ILE C 142 -1.04 -12.12 -5.98
CA ILE C 142 -0.20 -11.12 -6.58
C ILE C 142 -0.59 -11.02 -8.04
N VAL C 143 -1.05 -9.84 -8.45
CA VAL C 143 -1.68 -9.62 -9.75
C VAL C 143 -0.74 -8.81 -10.62
N GLY C 144 -0.53 -9.27 -11.84
CA GLY C 144 0.38 -8.61 -12.77
C GLY C 144 -0.41 -8.20 -13.98
N LEU C 145 0.29 -7.95 -15.08
CA LEU C 145 -0.37 -7.37 -16.23
C LEU C 145 -1.44 -8.30 -16.80
N ASP C 146 -2.39 -7.69 -17.49
CA ASP C 146 -3.54 -8.38 -18.05
C ASP C 146 -4.39 -8.98 -16.96
N ASP C 147 -4.24 -8.46 -15.74
CA ASP C 147 -4.98 -8.97 -14.59
C ASP C 147 -4.81 -10.45 -14.31
N MET C 148 -3.62 -10.96 -14.59
CA MET C 148 -3.31 -12.35 -14.31
C MET C 148 -2.58 -12.50 -13.00
N CYS C 149 -2.71 -13.68 -12.38
CA CYS C 149 -2.22 -13.97 -11.04
C CYS C 149 -0.97 -14.87 -11.05
N LEU C 150 0.01 -14.56 -10.18
CA LEU C 150 1.16 -15.44 -9.97
C LEU C 150 0.71 -16.77 -9.41
N GLU C 151 1.13 -17.85 -10.06
CA GLU C 151 0.81 -19.18 -9.61
C GLU C 151 2.08 -20.03 -9.34
N ALA C 152 2.03 -20.78 -8.25
CA ALA C 152 3.06 -21.77 -7.93
C ALA C 152 2.72 -23.02 -8.75
N THR C 153 3.57 -23.32 -9.73
CA THR C 153 3.35 -24.47 -10.64
C THR C 153 4.29 -25.65 -10.40
N ASP C 154 4.00 -26.76 -11.09
CA ASP C 154 4.84 -27.96 -11.09
C ASP C 154 5.13 -28.46 -9.68
N GLY C 155 4.07 -28.80 -8.95
CA GLY C 155 4.19 -29.27 -7.57
C GLY C 155 5.02 -28.34 -6.72
N ASN C 156 4.69 -27.04 -6.77
CA ASN C 156 5.35 -26.00 -5.98
C ASN C 156 6.85 -25.87 -6.24
N THR C 157 7.27 -26.04 -7.49
CA THR C 157 8.69 -25.87 -7.85
C THR C 157 8.92 -24.65 -8.72
N ASN C 158 7.96 -24.33 -9.59
CA ASN C 158 8.08 -23.17 -10.48
C ASN C 158 6.96 -22.12 -10.31
N MET C 159 7.09 -20.99 -10.98
CA MET C 159 6.04 -19.98 -10.94
C MET C 159 5.93 -19.11 -12.19
N TRP C 160 4.69 -18.80 -12.57
CA TRP C 160 4.40 -17.88 -13.66
C TRP C 160 2.95 -17.37 -13.55
N LEU C 161 2.54 -16.59 -14.54
CA LEU C 161 1.19 -16.02 -14.56
C LEU C 161 0.14 -16.93 -15.20
N GLU C 162 -0.93 -17.14 -14.44
CA GLU C 162 -2.09 -17.85 -14.91
C GLU C 162 -3.30 -16.94 -14.69
N GLU C 163 -4.44 -17.33 -15.24
CA GLU C 163 -5.68 -16.63 -15.02
C GLU C 163 -6.06 -16.79 -13.56
N CYS C 164 -6.45 -15.69 -12.93
CA CYS C 164 -6.86 -15.72 -11.53
C CYS C 164 -8.10 -16.56 -11.34
N VAL C 165 -8.10 -17.34 -10.27
CA VAL C 165 -9.24 -18.18 -9.91
C VAL C 165 -9.42 -18.07 -8.40
N PRO C 166 -10.50 -17.43 -7.95
CA PRO C 166 -10.62 -17.20 -6.51
C PRO C 166 -10.55 -18.49 -5.71
N ASN C 167 -9.86 -18.43 -4.58
CA ASN C 167 -9.68 -19.58 -3.69
C ASN C 167 -8.80 -20.71 -4.25
N LYS C 168 -8.10 -20.48 -5.36
CA LYS C 168 -7.14 -21.46 -5.86
C LYS C 168 -5.88 -21.39 -4.99
N ARG C 169 -5.53 -22.53 -4.39
CA ARG C 169 -4.52 -22.60 -3.34
C ARG C 169 -3.15 -22.20 -3.84
N GLU C 170 -2.87 -22.52 -5.10
CA GLU C 170 -1.56 -22.28 -5.70
C GLU C 170 -1.31 -20.81 -6.02
N GLN C 171 -2.38 -20.01 -5.97
CA GLN C 171 -2.33 -18.58 -6.25
C GLN C 171 -2.26 -17.73 -4.97
N SER C 172 -2.12 -18.38 -3.82
CA SER C 172 -2.09 -17.70 -2.53
C SER C 172 -0.68 -17.67 -1.95
N TRP C 173 -0.25 -16.45 -1.60
CA TRP C 173 1.12 -16.17 -1.15
C TRP C 173 1.10 -15.52 0.21
N ALA C 174 2.15 -15.78 0.98
CA ALA C 174 2.28 -15.24 2.31
C ALA C 174 3.50 -14.36 2.36
N LEU C 175 3.29 -13.09 2.71
CA LEU C 175 4.35 -12.10 2.81
C LEU C 175 4.85 -11.99 4.27
N TYR C 176 6.11 -12.35 4.48
CA TYR C 176 6.68 -12.43 5.82
C TYR C 176 7.45 -11.16 6.15
N SER C 177 7.59 -10.92 7.46
CA SER C 177 8.25 -9.72 7.98
C SER C 177 9.69 -9.59 7.53
N ASP C 178 10.32 -10.72 7.18
CA ASP C 178 11.70 -10.73 6.70
C ASP C 178 11.82 -10.34 5.25
N GLY C 179 10.68 -10.12 4.59
CA GLY C 179 10.67 -9.71 3.19
C GLY C 179 10.61 -10.91 2.26
N THR C 180 10.35 -12.09 2.80
CA THR C 180 10.18 -13.25 1.94
C THR C 180 8.75 -13.34 1.45
N ILE C 181 8.60 -13.89 0.26
CA ILE C 181 7.30 -14.26 -0.30
C ILE C 181 7.22 -15.77 -0.34
N ARG C 182 6.29 -16.34 0.39
CA ARG C 182 6.24 -17.77 0.59
C ARG C 182 4.97 -18.41 0.06
N VAL C 183 5.10 -19.68 -0.33
CA VAL C 183 3.99 -20.47 -0.82
C VAL C 183 3.09 -20.70 0.39
N ASP C 184 1.81 -20.41 0.22
CA ASP C 184 0.92 -20.34 1.36
C ASP C 184 0.77 -21.72 1.98
N ASP C 185 0.59 -22.73 1.14
CA ASP C 185 0.46 -24.12 1.59
C ASP C 185 1.77 -24.73 2.10
N ASN C 186 2.91 -24.13 1.76
CA ASN C 186 4.22 -24.62 2.23
C ASN C 186 5.19 -23.49 2.59
N ARG C 187 5.29 -23.18 3.87
CA ARG C 187 6.05 -22.00 4.33
C ARG C 187 7.57 -22.21 4.37
N GLU C 188 8.04 -23.39 3.97
CA GLU C 188 9.48 -23.65 3.83
C GLU C 188 9.99 -23.20 2.47
N LEU C 189 9.04 -22.84 1.59
CA LEU C 189 9.30 -22.47 0.19
C LEU C 189 9.21 -20.97 -0.10
N CYS C 190 10.26 -20.43 -0.71
CA CYS C 190 10.39 -19.00 -0.91
C CYS C 190 10.53 -18.66 -2.38
N VAL C 191 9.94 -17.55 -2.79
CA VAL C 191 10.17 -16.99 -4.11
C VAL C 191 11.62 -16.55 -4.16
N THR C 192 12.36 -16.99 -5.17
CA THR C 192 13.82 -16.85 -5.21
C THR C 192 14.32 -16.55 -6.59
N ALA C 193 15.29 -15.66 -6.71
CA ALA C 193 15.93 -15.38 -7.97
C ALA C 193 17.13 -16.35 -8.23
N SER C 194 17.01 -17.18 -9.27
CA SER C 194 18.07 -18.13 -9.69
C SER C 194 19.27 -17.48 -10.35
N SER C 195 20.33 -18.28 -10.55
CA SER C 195 21.50 -17.88 -11.37
C SER C 195 21.26 -18.20 -12.85
N SER C 196 20.37 -19.16 -13.10
CA SER C 196 19.84 -19.43 -14.43
C SER C 196 19.16 -18.19 -15.02
N THR C 197 19.42 -17.93 -16.31
CA THR C 197 18.97 -16.69 -16.95
C THR C 197 18.00 -16.87 -18.13
N TYR C 198 17.45 -15.74 -18.57
CA TYR C 198 16.65 -15.62 -19.79
C TYR C 198 16.93 -14.22 -20.31
N ASP C 199 17.29 -14.11 -21.60
CA ASP C 199 17.72 -12.84 -22.18
C ASP C 199 18.77 -12.12 -21.30
N ASN C 200 19.63 -12.90 -20.63
CA ASN C 200 20.70 -12.38 -19.77
C ASN C 200 20.21 -11.71 -18.48
N TRP C 201 19.14 -12.27 -17.90
CA TRP C 201 18.57 -11.79 -16.65
C TRP C 201 18.12 -12.99 -15.81
N LYS C 202 18.24 -12.87 -14.49
CA LYS C 202 17.95 -14.00 -13.60
C LYS C 202 16.47 -14.35 -13.59
N VAL C 203 16.17 -15.64 -13.42
CA VAL C 203 14.81 -16.15 -13.50
C VAL C 203 14.32 -16.48 -12.10
N ILE C 204 13.04 -16.18 -11.84
CA ILE C 204 12.46 -16.32 -10.53
C ILE C 204 11.77 -17.66 -10.42
N THR C 205 12.02 -18.37 -9.34
CA THR C 205 11.47 -19.70 -9.15
C THR C 205 11.22 -19.86 -7.66
N ILE C 206 10.79 -21.04 -7.25
CA ILE C 206 10.52 -21.36 -5.85
C ILE C 206 11.57 -22.33 -5.32
N LEU C 207 12.34 -21.91 -4.31
CA LEU C 207 13.32 -22.79 -3.64
C LEU C 207 13.10 -22.78 -2.13
N ASN C 208 13.81 -23.65 -1.43
CA ASN C 208 13.73 -23.69 0.03
C ASN C 208 14.14 -22.34 0.60
N CYS C 209 13.40 -21.85 1.59
CA CYS C 209 13.78 -20.61 2.27
C CYS C 209 15.09 -20.86 3.02
N ASP C 210 16.12 -20.08 2.72
CA ASP C 210 17.43 -20.26 3.38
C ASP C 210 18.01 -18.95 3.91
N GLY C 211 17.18 -17.91 4.03
CA GLY C 211 17.60 -16.63 4.62
C GLY C 211 18.58 -15.79 3.80
N SER C 212 18.70 -16.06 2.50
CA SER C 212 19.71 -15.41 1.66
C SER C 212 19.22 -14.12 0.96
N ASN C 213 20.12 -13.49 0.20
CA ASN C 213 19.82 -12.21 -0.46
C ASN C 213 19.27 -12.33 -1.90
N ASN C 214 18.57 -13.42 -2.19
CA ASN C 214 17.75 -13.46 -3.39
C ASN C 214 16.37 -14.04 -3.08
N GLN C 215 15.97 -13.98 -1.80
CA GLN C 215 14.63 -14.33 -1.37
C GLN C 215 13.95 -13.16 -0.63
N ARG C 216 14.47 -11.94 -0.83
CA ARG C 216 14.02 -10.77 -0.08
C ARG C 216 13.51 -9.70 -1.01
N TRP C 217 12.24 -9.33 -0.82
CA TRP C 217 11.50 -8.47 -1.73
C TRP C 217 10.83 -7.31 -1.00
N VAL C 218 10.73 -6.16 -1.66
CA VAL C 218 9.96 -5.04 -1.12
C VAL C 218 8.95 -4.51 -2.15
N PHE C 219 7.70 -4.40 -1.70
CA PHE C 219 6.61 -3.77 -2.48
C PHE C 219 6.68 -2.28 -2.33
N LEU C 220 7.02 -1.57 -3.38
CA LEU C 220 7.19 -0.12 -3.30
C LEU C 220 6.02 0.65 -3.94
N ALA C 221 6.06 1.96 -3.79
CA ALA C 221 4.98 2.84 -4.24
C ALA C 221 4.90 2.99 -5.75
N ASP C 222 5.92 2.54 -6.48
CA ASP C 222 5.88 2.57 -7.96
C ASP C 222 5.19 1.34 -8.53
N GLY C 223 4.62 0.50 -7.67
CA GLY C 223 3.98 -0.73 -8.10
C GLY C 223 4.93 -1.90 -8.33
N SER C 224 6.24 -1.68 -8.16
CA SER C 224 7.22 -2.77 -8.36
C SER C 224 7.27 -3.76 -7.19
N ILE C 225 7.78 -4.95 -7.48
CA ILE C 225 8.23 -5.88 -6.45
C ILE C 225 9.73 -5.91 -6.66
N SER C 226 10.46 -5.26 -5.75
CA SER C 226 11.88 -4.97 -5.95
C SER C 226 12.80 -5.64 -4.91
N THR C 227 14.09 -5.63 -5.22
CA THR C 227 15.12 -6.01 -4.25
C THR C 227 15.43 -4.76 -3.42
N PRO C 228 15.73 -4.93 -2.12
CA PRO C 228 16.10 -3.75 -1.32
C PRO C 228 17.48 -3.24 -1.69
N GLY C 229 17.71 -1.94 -1.55
CA GLY C 229 19.03 -1.34 -1.81
C GLY C 229 19.04 -0.26 -2.87
N ASN C 230 20.23 0.19 -3.24
CA ASN C 230 20.40 1.23 -4.26
C ASN C 230 20.44 0.60 -5.66
N GLN C 231 21.28 -0.42 -5.84
CA GLN C 231 21.37 -1.15 -7.12
C GLN C 231 20.16 -2.07 -7.26
N ARG C 232 19.00 -1.44 -7.47
CA ARG C 232 17.70 -2.10 -7.34
C ARG C 232 17.24 -2.79 -8.62
N LEU C 233 16.68 -3.98 -8.47
CA LEU C 233 16.05 -4.71 -9.60
C LEU C 233 14.60 -5.08 -9.27
N ALA C 234 13.77 -5.17 -10.32
CA ALA C 234 12.34 -5.43 -10.20
C ALA C 234 11.91 -6.72 -10.87
N MET C 235 10.93 -7.37 -10.27
CA MET C 235 10.24 -8.50 -10.85
C MET C 235 9.56 -8.03 -12.14
N ASP C 236 9.59 -8.89 -13.16
CA ASP C 236 9.36 -8.45 -14.54
C ASP C 236 8.90 -9.64 -15.37
N VAL C 237 7.78 -9.44 -16.07
CA VAL C 237 7.23 -10.43 -16.99
C VAL C 237 7.98 -10.29 -18.31
N ALA C 238 8.75 -11.32 -18.66
CA ALA C 238 9.67 -11.29 -19.81
C ALA C 238 8.96 -10.93 -21.10
N ARG C 239 9.44 -9.88 -21.77
CA ARG C 239 8.94 -9.44 -23.08
C ARG C 239 7.48 -8.99 -23.07
N SER C 240 6.97 -8.63 -21.88
CA SER C 240 5.54 -8.44 -21.66
C SER C 240 4.72 -9.58 -22.26
N ASP C 241 5.27 -10.80 -22.21
CA ASP C 241 4.62 -11.95 -22.82
C ASP C 241 4.31 -13.00 -21.76
N VAL C 242 3.05 -13.01 -21.33
CA VAL C 242 2.56 -14.02 -20.39
C VAL C 242 2.89 -15.47 -20.83
N ASP C 243 2.81 -15.73 -22.13
CA ASP C 243 2.90 -17.11 -22.63
C ASP C 243 4.30 -17.70 -22.51
N LEU C 244 5.33 -16.85 -22.43
CA LEU C 244 6.70 -17.32 -22.21
C LEU C 244 6.90 -18.08 -20.89
N LYS C 245 5.96 -17.93 -19.95
CA LYS C 245 6.05 -18.59 -18.64
C LYS C 245 7.32 -18.22 -17.83
N LYS C 246 7.92 -17.05 -18.12
CA LYS C 246 9.15 -16.62 -17.44
C LYS C 246 9.03 -15.26 -16.71
N ILE C 247 9.18 -15.33 -15.39
CA ILE C 247 9.34 -14.14 -14.55
C ILE C 247 10.83 -13.95 -14.28
N ILE C 248 11.34 -12.78 -14.61
CA ILE C 248 12.75 -12.48 -14.44
C ILE C 248 12.96 -11.26 -13.52
N LEU C 249 14.22 -11.03 -13.18
CA LEU C 249 14.64 -9.91 -12.34
C LEU C 249 15.41 -8.92 -13.20
N HIS C 250 14.83 -7.75 -13.42
CA HIS C 250 15.26 -6.85 -14.47
C HIS C 250 15.58 -5.46 -13.93
N ARG C 251 16.28 -4.67 -14.72
CA ARG C 251 16.45 -3.25 -14.47
C ARG C 251 15.07 -2.58 -14.35
N PRO C 252 14.88 -1.71 -13.33
CA PRO C 252 13.57 -1.08 -13.16
C PRO C 252 13.26 0.00 -14.19
N HIS C 253 12.10 -0.08 -14.82
CA HIS C 253 11.66 0.98 -15.75
C HIS C 253 10.18 1.38 -15.56
N GLY C 254 9.45 0.67 -14.71
CA GLY C 254 8.11 1.08 -14.34
C GLY C 254 7.00 0.87 -15.36
N ASP C 255 7.24 0.08 -16.39
CA ASP C 255 6.21 -0.23 -17.38
C ASP C 255 5.29 -1.33 -16.85
N LEU C 256 4.26 -1.66 -17.62
CA LEU C 256 3.16 -2.50 -17.16
C LEU C 256 3.60 -3.92 -16.77
N ASN C 257 4.62 -4.42 -17.43
CA ASN C 257 5.14 -5.76 -17.11
C ASN C 257 5.94 -5.80 -15.81
N GLN C 258 6.19 -4.63 -15.21
CA GLN C 258 6.82 -4.53 -13.89
C GLN C 258 5.89 -3.98 -12.78
N GLN C 259 4.61 -3.86 -13.10
CA GLN C 259 3.62 -3.34 -12.15
C GLN C 259 2.78 -4.49 -11.64
N TRP C 260 2.54 -4.50 -10.33
CA TRP C 260 1.86 -5.58 -9.64
C TRP C 260 0.93 -5.01 -8.59
N VAL C 261 -0.05 -5.81 -8.16
CA VAL C 261 -0.96 -5.39 -7.12
C VAL C 261 -1.10 -6.53 -6.16
N LEU C 262 -1.01 -6.24 -4.87
CA LEU C 262 -1.27 -7.22 -3.84
C LEU C 262 -2.77 -7.25 -3.64
N PHE C 263 -3.40 -8.39 -3.91
CA PHE C 263 -4.83 -8.50 -3.73
C PHE C 263 -5.10 -9.32 -2.47
N TYR C 264 -5.21 -8.59 -1.37
CA TYR C 264 -5.43 -9.13 -0.06
C TYR C 264 -6.93 -9.10 0.23
#